data_6CN3
#
_entry.id   6CN3
#
_cell.length_a   89.327
_cell.length_b   89.327
_cell.length_c   156.655
_cell.angle_alpha   90.000
_cell.angle_beta   90.000
_cell.angle_gamma   90.000
#
_symmetry.space_group_name_H-M   'P 43 21 2'
#
_entity_poly.entity_id   1
_entity_poly.type   'polypeptide(L)'
_entity_poly.pdbx_seq_one_letter_code
;MASTGETTYKKTTSSALKGAIQLGITHSVGSLSQKPERDVLMQDFEVVESIFFPSQGSSSTPGHHHGDFKFKTYAPIAFR
YFREMFGIRPDDYLYSLCNEPLIELSNPGASGSLFYVSSDDEFIIKTVQHKEAEFLQTLLPGYFMNLNQNMRTLLPKFYG
LYCVQADGKNIRIVVMNNLLPRAVPMHLKFALKGSTYKRRASPKERSKGVPTYKDLDFMQDMPEGILLENDHYTALSRTM
QRDCRVLQSFKIMDYSLLVGIHILHRAGEEASTAVPDTQKKGQGQKPLYCTAIESIQGESKSKTSPQPYESMGGIPAFNS
KGERLLVFIGIIDILQSYRLVKKLEHSWKALLHDGDTVSVHRPSFYADRFQKFMCSTVFRKSQLKTLEHHHHHH
;
_entity_poly.pdbx_strand_id   A
#
# COMPACT_ATOMS: atom_id res chain seq x y z
N THR A 12 0.51 26.45 -5.91
CA THR A 12 0.15 25.06 -5.72
C THR A 12 -0.06 24.34 -7.05
N THR A 13 1.03 23.82 -7.62
CA THR A 13 0.91 22.84 -8.68
C THR A 13 0.32 21.51 -8.18
N SER A 14 0.15 21.36 -6.86
CA SER A 14 -0.55 20.21 -6.30
C SER A 14 -1.92 20.01 -6.96
N SER A 15 -2.64 21.10 -7.19
CA SER A 15 -3.93 21.02 -7.85
C SER A 15 -3.83 20.80 -9.36
N ALA A 16 -2.66 21.04 -9.98
CA ALA A 16 -2.44 20.70 -11.37
C ALA A 16 -1.99 19.26 -11.58
N LEU A 17 -1.37 18.66 -10.55
CA LEU A 17 -1.11 17.23 -10.55
C LEU A 17 -2.40 16.44 -10.39
N LYS A 18 -3.04 16.57 -9.21
CA LYS A 18 -4.37 16.07 -8.93
C LYS A 18 -5.20 15.99 -10.21
N GLY A 19 -5.21 17.07 -10.96
CA GLY A 19 -5.97 17.09 -12.19
C GLY A 19 -5.44 16.12 -13.23
N ALA A 20 -4.15 16.24 -13.54
CA ALA A 20 -3.54 15.32 -14.50
C ALA A 20 -3.74 13.88 -14.08
N ILE A 21 -3.65 13.61 -12.77
CA ILE A 21 -3.87 12.25 -12.25
C ILE A 21 -5.28 11.78 -12.58
N GLN A 22 -6.27 12.50 -12.07
CA GLN A 22 -7.67 12.12 -12.30
C GLN A 22 -7.97 12.02 -13.78
N LEU A 23 -7.63 13.07 -14.56
CA LEU A 23 -7.89 13.03 -16.00
C LEU A 23 -7.30 11.79 -16.65
N GLY A 24 -6.01 11.53 -16.41
CA GLY A 24 -5.31 10.50 -17.15
C GLY A 24 -5.75 9.09 -16.77
N ILE A 25 -5.97 8.85 -15.48
CA ILE A 25 -6.45 7.54 -15.05
C ILE A 25 -7.72 7.20 -15.80
N THR A 26 -8.68 8.14 -15.82
CA THR A 26 -9.95 7.91 -16.50
C THR A 26 -9.73 7.51 -17.94
N HIS A 27 -8.90 8.26 -18.66
CA HIS A 27 -8.61 7.87 -20.03
C HIS A 27 -7.99 6.48 -20.07
N SER A 28 -7.06 6.21 -19.14
CA SER A 28 -6.31 4.95 -19.15
C SER A 28 -7.19 3.77 -18.82
N VAL A 29 -7.87 3.82 -17.68
CA VAL A 29 -8.72 2.70 -17.28
C VAL A 29 -10.03 2.74 -18.05
N GLY A 30 -10.57 3.94 -18.29
CA GLY A 30 -11.77 4.06 -19.10
C GLY A 30 -11.61 3.42 -20.46
N SER A 31 -10.52 3.75 -21.16
CA SER A 31 -10.22 3.09 -22.42
C SER A 31 -10.11 1.58 -22.27
N LEU A 32 -9.49 1.13 -21.17
CA LEU A 32 -9.22 -0.29 -20.99
C LEU A 32 -10.50 -1.09 -20.87
N SER A 33 -11.53 -0.52 -20.21
CA SER A 33 -12.76 -1.24 -19.91
C SER A 33 -13.61 -1.53 -21.14
N GLN A 34 -13.47 -0.70 -22.18
CA GLN A 34 -14.08 -1.04 -23.46
C GLN A 34 -13.35 -2.23 -24.10
N LYS A 35 -12.03 -2.26 -24.01
CA LYS A 35 -11.27 -3.39 -24.54
C LYS A 35 -11.70 -4.70 -23.88
N PRO A 36 -11.66 -5.81 -24.60
CA PRO A 36 -12.07 -7.08 -24.02
C PRO A 36 -11.02 -7.69 -23.11
N GLU A 37 -11.49 -8.53 -22.20
CA GLU A 37 -10.65 -9.04 -21.14
C GLU A 37 -9.87 -10.27 -21.64
N ARG A 38 -8.74 -10.54 -21.00
CA ARG A 38 -7.78 -11.57 -21.40
C ARG A 38 -6.74 -11.75 -20.31
N ASP A 39 -6.23 -12.98 -20.22
CA ASP A 39 -5.27 -13.36 -19.20
C ASP A 39 -3.99 -12.55 -19.26
N VAL A 40 -3.30 -12.56 -18.18
CA VAL A 40 -2.07 -11.79 -18.11
C VAL A 40 -0.94 -12.70 -18.58
N LEU A 41 0.04 -12.08 -19.21
CA LEU A 41 1.23 -12.74 -19.72
C LEU A 41 2.44 -12.00 -19.20
N MET A 42 3.55 -12.74 -19.01
CA MET A 42 4.82 -12.15 -18.60
C MET A 42 5.14 -10.87 -19.37
N GLN A 43 4.79 -10.85 -20.65
CA GLN A 43 4.93 -9.67 -21.49
C GLN A 43 4.25 -8.46 -20.86
N ASP A 44 3.09 -8.66 -20.22
CA ASP A 44 2.29 -7.51 -19.82
C ASP A 44 2.90 -6.75 -18.64
N PHE A 45 3.96 -7.26 -18.02
CA PHE A 45 4.56 -6.59 -16.88
C PHE A 45 5.56 -5.53 -17.28
N GLU A 46 6.21 -5.71 -18.42
CA GLU A 46 7.15 -4.70 -18.90
C GLU A 46 6.46 -3.58 -19.64
N VAL A 47 5.20 -3.78 -20.06
CA VAL A 47 4.46 -2.78 -20.82
C VAL A 47 4.41 -1.43 -20.11
N VAL A 48 4.75 -0.37 -20.83
CA VAL A 48 4.41 0.99 -20.43
C VAL A 48 3.68 1.63 -21.60
N GLU A 49 2.56 2.30 -21.30
CA GLU A 49 1.78 3.02 -22.28
C GLU A 49 1.62 4.47 -21.83
N SER A 50 1.74 5.39 -22.78
CA SER A 50 1.63 6.82 -22.53
C SER A 50 0.46 7.35 -23.36
N ILE A 51 0.01 8.55 -23.01
CA ILE A 51 -0.98 9.28 -23.80
C ILE A 51 -0.75 10.77 -23.54
N PHE A 52 -0.98 11.59 -24.55
CA PHE A 52 -0.67 13.01 -24.44
C PHE A 52 -1.95 13.80 -24.23
N PHE A 53 -1.87 14.75 -23.28
CA PHE A 53 -2.99 15.60 -22.86
C PHE A 53 -2.59 17.05 -23.09
N PRO A 54 -2.85 17.62 -24.27
CA PRO A 54 -2.58 19.05 -24.47
C PRO A 54 -3.61 19.87 -23.72
N SER A 55 -3.15 21.00 -23.14
CA SER A 55 -4.13 21.94 -22.59
C SER A 55 -5.11 22.39 -23.67
N GLN A 56 -4.63 22.52 -24.90
CA GLN A 56 -5.48 22.80 -26.05
C GLN A 56 -6.49 21.68 -26.33
N GLY A 57 -6.41 20.54 -25.63
CA GLY A 57 -7.27 19.40 -25.89
C GLY A 57 -6.91 18.70 -27.19
N SER A 58 -7.27 17.41 -27.35
CA SER A 58 -6.96 16.70 -28.59
C SER A 58 -8.15 15.94 -29.16
N SER A 59 -7.88 15.02 -30.10
CA SER A 59 -8.97 14.26 -30.72
C SER A 59 -9.53 13.21 -29.76
N SER A 60 -8.68 12.68 -28.87
CA SER A 60 -9.09 11.73 -27.86
C SER A 60 -9.01 12.34 -26.46
N THR A 61 -8.79 13.64 -26.39
CA THR A 61 -8.27 14.30 -25.20
C THR A 61 -8.92 15.65 -24.91
N PRO A 62 -9.53 15.81 -23.75
CA PRO A 62 -10.11 17.11 -23.37
C PRO A 62 -9.05 18.12 -23.03
N GLY A 63 -9.37 19.39 -23.28
CA GLY A 63 -8.58 20.47 -22.77
C GLY A 63 -8.71 20.58 -21.26
N HIS A 64 -7.91 21.47 -20.70
CA HIS A 64 -7.84 21.58 -19.25
C HIS A 64 -6.96 22.76 -18.92
N HIS A 65 -7.16 23.26 -17.71
CA HIS A 65 -6.41 24.41 -17.24
C HIS A 65 -5.06 24.05 -16.63
N HIS A 66 -4.69 22.76 -16.62
CA HIS A 66 -3.34 22.39 -16.25
C HIS A 66 -2.45 22.47 -17.48
N GLY A 67 -1.16 22.72 -17.25
CA GLY A 67 -0.22 22.78 -18.34
C GLY A 67 -0.17 21.44 -19.07
N ASP A 68 0.12 21.51 -20.37
CA ASP A 68 0.27 20.31 -21.19
C ASP A 68 1.03 19.20 -20.44
N PHE A 69 0.63 17.95 -20.64
CA PHE A 69 1.27 16.84 -19.94
C PHE A 69 1.00 15.51 -20.65
N LYS A 70 1.97 14.61 -20.57
CA LYS A 70 1.81 13.23 -21.02
C LYS A 70 1.62 12.32 -19.81
N PHE A 71 0.71 11.35 -19.94
CA PHE A 71 0.32 10.45 -18.85
C PHE A 71 0.76 9.03 -19.19
N LYS A 72 1.72 8.53 -18.40
CA LYS A 72 2.31 7.20 -18.56
C LYS A 72 1.68 6.22 -17.58
N THR A 73 1.04 5.17 -18.11
CA THR A 73 0.41 4.13 -17.27
C THR A 73 1.16 2.80 -17.43
N TYR A 74 1.72 2.32 -16.32
CA TYR A 74 2.61 1.16 -16.33
C TYR A 74 1.82 -0.14 -16.18
N ALA A 75 2.24 -1.16 -16.93
CA ALA A 75 1.70 -2.52 -16.87
C ALA A 75 0.19 -2.56 -16.69
N PRO A 76 -0.58 -2.16 -17.68
CA PRO A 76 -2.01 -1.91 -17.47
C PRO A 76 -2.78 -3.19 -17.25
N ILE A 77 -2.65 -4.15 -18.17
CA ILE A 77 -3.30 -5.45 -18.02
C ILE A 77 -2.94 -6.10 -16.69
N ALA A 78 -1.72 -5.87 -16.19
CA ALA A 78 -1.34 -6.48 -14.93
C ALA A 78 -2.15 -5.87 -13.81
N PHE A 79 -2.33 -4.56 -13.83
CA PHE A 79 -3.10 -4.00 -12.74
C PHE A 79 -4.61 -4.17 -12.93
N ARG A 80 -5.10 -4.16 -14.18
CA ARG A 80 -6.46 -4.62 -14.37
C ARG A 80 -6.64 -5.89 -13.56
N TYR A 81 -5.72 -6.84 -13.76
CA TYR A 81 -5.80 -8.15 -13.12
C TYR A 81 -5.71 -8.04 -11.62
N PHE A 82 -4.78 -7.22 -11.12
CA PHE A 82 -4.62 -7.13 -9.68
C PHE A 82 -5.89 -6.56 -9.05
N ARG A 83 -6.32 -5.38 -9.52
CA ARG A 83 -7.55 -4.76 -9.03
C ARG A 83 -8.70 -5.77 -8.95
N GLU A 84 -8.95 -6.49 -10.05
CA GLU A 84 -9.97 -7.55 -10.06
C GLU A 84 -9.74 -8.57 -8.95
N MET A 85 -8.50 -9.05 -8.82
CA MET A 85 -8.14 -10.00 -7.77
C MET A 85 -8.32 -9.45 -6.37
N PHE A 86 -8.40 -8.14 -6.22
CA PHE A 86 -8.65 -7.54 -4.93
C PHE A 86 -10.12 -7.21 -4.70
N GLY A 87 -10.97 -7.34 -5.72
CA GLY A 87 -12.34 -6.89 -5.60
C GLY A 87 -12.56 -5.42 -5.87
N ILE A 88 -11.73 -4.81 -6.72
CA ILE A 88 -11.88 -3.42 -7.10
C ILE A 88 -12.54 -3.36 -8.47
N ARG A 89 -13.86 -3.13 -8.47
CA ARG A 89 -14.58 -2.90 -9.70
C ARG A 89 -13.98 -1.71 -10.44
N PRO A 90 -13.87 -1.77 -11.77
CA PRO A 90 -13.41 -0.60 -12.51
C PRO A 90 -14.20 0.67 -12.23
N ASP A 91 -15.53 0.65 -12.18
CA ASP A 91 -16.23 1.93 -12.01
C ASP A 91 -16.01 2.48 -10.62
N ASP A 92 -15.90 1.59 -9.62
CA ASP A 92 -15.67 2.03 -8.25
C ASP A 92 -14.30 2.65 -8.11
N TYR A 93 -13.28 1.98 -8.65
CA TYR A 93 -11.95 2.57 -8.79
C TYR A 93 -12.03 3.97 -9.40
N LEU A 94 -12.65 4.06 -10.57
CA LEU A 94 -12.65 5.31 -11.31
C LEU A 94 -13.38 6.39 -10.55
N TYR A 95 -14.52 6.04 -9.92
CA TYR A 95 -15.24 7.03 -9.12
C TYR A 95 -14.39 7.50 -7.96
N SER A 96 -14.01 6.58 -7.07
CA SER A 96 -13.27 6.93 -5.85
C SER A 96 -12.08 7.84 -6.12
N LEU A 97 -11.38 7.60 -7.24
CA LEU A 97 -10.19 8.37 -7.59
C LEU A 97 -10.51 9.62 -8.41
N CYS A 98 -11.21 9.47 -9.53
CA CYS A 98 -11.30 10.54 -10.50
C CYS A 98 -12.50 11.48 -10.33
N ASN A 99 -13.61 11.03 -9.73
CA ASN A 99 -14.82 11.84 -9.66
C ASN A 99 -15.05 12.43 -8.28
N GLU A 100 -14.05 12.43 -7.45
CA GLU A 100 -14.17 12.98 -6.13
C GLU A 100 -12.83 13.58 -5.72
N PRO A 101 -12.83 14.86 -5.38
CA PRO A 101 -11.63 15.52 -4.85
C PRO A 101 -10.59 14.62 -4.22
N LEU A 102 -9.35 14.80 -4.66
CA LEU A 102 -8.21 14.22 -3.98
C LEU A 102 -7.82 15.08 -2.79
N ILE A 103 -7.10 14.47 -1.86
CA ILE A 103 -6.87 15.06 -0.56
C ILE A 103 -5.41 14.90 -0.20
N GLU A 104 -4.71 16.03 -0.04
CA GLU A 104 -3.30 16.06 0.37
C GLU A 104 -3.03 15.48 1.76
N LEU A 105 -1.76 15.45 2.17
CA LEU A 105 -1.33 15.00 3.50
C LEU A 105 0.16 15.31 3.64
N SER A 106 0.74 14.94 4.79
CA SER A 106 2.18 15.14 5.01
C SER A 106 2.75 14.05 5.93
N LEU A 114 3.30 15.17 -1.90
CA LEU A 114 3.88 13.85 -2.08
C LEU A 114 3.04 12.75 -1.35
N PHE A 115 1.76 13.04 -1.12
CA PHE A 115 0.74 12.09 -0.61
C PHE A 115 -0.65 12.57 -1.00
N TYR A 116 -1.60 11.64 -1.10
CA TYR A 116 -2.98 11.90 -1.45
C TYR A 116 -3.87 10.80 -0.91
N VAL A 117 -5.14 11.15 -0.76
CA VAL A 117 -6.17 10.16 -0.43
C VAL A 117 -7.43 10.53 -1.23
N SER A 118 -8.19 9.49 -1.59
CA SER A 118 -9.52 9.67 -2.15
C SER A 118 -10.44 10.31 -1.11
N SER A 119 -11.40 11.10 -1.59
CA SER A 119 -12.40 11.64 -0.66
C SER A 119 -13.01 10.52 0.17
N ASP A 120 -13.26 9.35 -0.45
CA ASP A 120 -13.86 8.25 0.31
C ASP A 120 -12.89 7.51 1.21
N ASP A 121 -11.61 7.89 1.22
CA ASP A 121 -10.59 7.38 2.17
C ASP A 121 -10.31 5.87 1.99
N GLU A 122 -10.50 5.33 0.78
CA GLU A 122 -10.15 3.93 0.54
C GLU A 122 -8.80 3.77 -0.17
N PHE A 123 -8.39 4.76 -0.96
CA PHE A 123 -7.22 4.66 -1.84
C PHE A 123 -6.14 5.67 -1.45
N ILE A 124 -4.90 5.21 -1.31
CA ILE A 124 -3.75 6.08 -1.08
C ILE A 124 -3.08 6.34 -2.42
N ILE A 125 -2.44 7.50 -2.57
CA ILE A 125 -1.58 7.76 -3.73
C ILE A 125 -0.27 8.39 -3.27
N LYS A 126 0.76 7.55 -3.03
CA LYS A 126 2.10 8.02 -2.70
C LYS A 126 2.89 8.27 -3.99
N THR A 127 3.86 9.21 -3.91
CA THR A 127 4.84 9.42 -4.98
C THR A 127 6.12 8.64 -4.66
N VAL A 128 6.81 8.23 -5.70
CA VAL A 128 7.92 7.29 -5.56
C VAL A 128 9.04 7.70 -6.50
N GLN A 129 10.28 7.49 -6.04
CA GLN A 129 11.44 7.76 -6.86
C GLN A 129 11.49 6.74 -7.98
N HIS A 130 11.87 7.20 -9.17
CA HIS A 130 12.23 6.42 -10.36
C HIS A 130 12.89 5.08 -10.01
N LYS A 131 13.72 5.05 -8.96
CA LYS A 131 14.28 3.80 -8.46
C LYS A 131 13.20 2.90 -7.85
N GLU A 132 12.41 3.45 -6.92
CA GLU A 132 11.31 2.69 -6.32
C GLU A 132 10.35 2.17 -7.38
N ALA A 133 9.98 3.04 -8.33
CA ALA A 133 9.01 2.64 -9.35
C ALA A 133 9.55 1.48 -10.17
N GLU A 134 10.72 1.66 -10.79
CA GLU A 134 11.32 0.61 -11.60
C GLU A 134 11.49 -0.67 -10.80
N PHE A 135 11.84 -0.54 -9.52
CA PHE A 135 11.88 -1.71 -8.66
C PHE A 135 10.53 -2.42 -8.65
N LEU A 136 9.47 -1.69 -8.33
CA LEU A 136 8.12 -2.27 -8.36
C LEU A 136 7.84 -2.96 -9.69
N GLN A 137 8.33 -2.39 -10.81
CA GLN A 137 8.09 -2.99 -12.12
C GLN A 137 8.68 -4.39 -12.19
N THR A 138 9.91 -4.54 -11.70
CA THR A 138 10.55 -5.85 -11.68
C THR A 138 9.86 -6.77 -10.72
N LEU A 139 9.22 -6.18 -9.73
CA LEU A 139 8.64 -6.96 -8.66
C LEU A 139 7.37 -7.68 -9.12
N LEU A 140 6.73 -7.22 -10.19
CA LEU A 140 5.36 -7.66 -10.47
C LEU A 140 5.22 -9.16 -10.57
N PRO A 141 6.08 -9.89 -11.29
CA PRO A 141 5.94 -11.36 -11.29
C PRO A 141 5.92 -12.02 -9.90
N GLY A 142 6.87 -11.72 -9.03
CA GLY A 142 6.79 -12.32 -7.71
C GLY A 142 5.46 -12.00 -7.04
N TYR A 143 4.99 -10.75 -7.23
CA TYR A 143 3.74 -10.28 -6.64
C TYR A 143 2.56 -11.09 -7.14
N PHE A 144 2.47 -11.24 -8.47
CA PHE A 144 1.49 -12.13 -9.06
C PHE A 144 1.56 -13.49 -8.40
N MET A 145 2.75 -14.07 -8.35
CA MET A 145 2.86 -15.43 -7.84
C MET A 145 2.47 -15.51 -6.38
N ASN A 146 2.60 -14.41 -5.64
CA ASN A 146 2.19 -14.40 -4.25
C ASN A 146 0.67 -14.38 -4.14
N LEU A 147 0.04 -13.40 -4.81
CA LEU A 147 -1.41 -13.26 -4.86
C LEU A 147 -2.16 -14.53 -5.19
N ASN A 148 -1.58 -15.39 -6.02
CA ASN A 148 -2.25 -16.62 -6.44
C ASN A 148 -2.01 -17.80 -5.52
N GLN A 149 -1.08 -17.71 -4.57
CA GLN A 149 -0.86 -18.81 -3.64
C GLN A 149 -1.20 -18.44 -2.21
N ASN A 150 -0.99 -17.18 -1.82
CA ASN A 150 -1.40 -16.62 -0.53
C ASN A 150 -2.50 -15.60 -0.77
N MET A 151 -3.75 -16.04 -0.68
CA MET A 151 -4.86 -15.09 -0.79
C MET A 151 -4.82 -14.10 0.35
N ARG A 152 -4.45 -14.58 1.54
CA ARG A 152 -4.37 -13.89 2.82
C ARG A 152 -3.16 -12.94 2.97
N THR A 153 -2.31 -12.76 1.95
CA THR A 153 -1.08 -12.00 2.16
C THR A 153 -1.36 -10.58 2.63
N LEU A 154 -0.43 -10.05 3.43
CA LEU A 154 -0.54 -8.76 4.11
C LEU A 154 0.17 -7.64 3.38
N LEU A 155 0.80 -7.91 2.25
CA LEU A 155 1.66 -6.93 1.61
C LEU A 155 0.80 -5.77 1.16
N PRO A 156 1.42 -4.67 0.71
CA PRO A 156 0.65 -3.63 0.03
C PRO A 156 -0.23 -4.21 -1.07
N LYS A 157 -1.41 -3.60 -1.27
CA LYS A 157 -2.23 -3.88 -2.44
C LYS A 157 -2.00 -2.78 -3.45
N PHE A 158 -1.31 -3.12 -4.53
CA PHE A 158 -0.99 -2.13 -5.56
C PHE A 158 -2.06 -2.16 -6.63
N TYR A 159 -2.81 -1.07 -6.73
CA TYR A 159 -3.83 -0.99 -7.74
C TYR A 159 -3.28 -0.41 -9.03
N GLY A 160 -2.19 0.34 -8.97
CA GLY A 160 -1.73 0.95 -10.19
C GLY A 160 -0.48 1.79 -10.11
N LEU A 161 0.30 1.80 -11.20
CA LEU A 161 1.54 2.55 -11.25
C LEU A 161 1.48 3.44 -12.48
N TYR A 162 1.60 4.75 -12.27
CA TYR A 162 1.46 5.75 -13.33
C TYR A 162 2.57 6.81 -13.17
N CYS A 163 2.83 7.52 -14.27
CA CYS A 163 3.78 8.62 -14.30
C CYS A 163 3.17 9.79 -15.06
N VAL A 164 3.38 11.00 -14.55
CA VAL A 164 2.88 12.23 -15.18
C VAL A 164 4.09 13.02 -15.68
N GLN A 165 4.11 13.35 -16.98
CA GLN A 165 5.20 14.13 -17.58
C GLN A 165 4.74 15.56 -17.85
N ALA A 166 5.08 16.49 -16.93
CA ALA A 166 4.63 17.88 -16.99
C ALA A 166 5.79 18.83 -16.74
N ASP A 167 6.03 19.73 -17.70
CA ASP A 167 7.14 20.69 -17.69
C ASP A 167 8.44 20.00 -17.28
N GLY A 168 8.80 18.96 -18.05
CA GLY A 168 10.05 18.26 -17.89
C GLY A 168 10.13 17.26 -16.75
N LYS A 169 9.48 17.56 -15.62
CA LYS A 169 9.51 16.66 -14.46
C LYS A 169 8.82 15.32 -14.79
N ASN A 170 9.17 14.29 -14.02
CA ASN A 170 8.41 13.04 -13.96
C ASN A 170 7.94 12.81 -12.53
N ILE A 171 6.65 12.97 -12.31
CA ILE A 171 6.01 12.53 -11.08
C ILE A 171 5.54 11.10 -11.29
N ARG A 172 5.88 10.22 -10.34
CA ARG A 172 5.65 8.80 -10.50
C ARG A 172 4.88 8.32 -9.29
N ILE A 173 3.71 7.75 -9.54
CA ILE A 173 2.79 7.44 -8.45
C ILE A 173 2.42 5.96 -8.46
N VAL A 174 2.18 5.48 -7.25
CA VAL A 174 1.63 4.19 -6.98
C VAL A 174 0.27 4.45 -6.35
N VAL A 175 -0.78 3.75 -6.81
CA VAL A 175 -2.09 3.82 -6.17
C VAL A 175 -2.32 2.53 -5.41
N MET A 176 -2.75 2.63 -4.15
CA MET A 176 -2.68 1.45 -3.31
C MET A 176 -3.66 1.59 -2.17
N ASN A 177 -3.76 0.55 -1.37
CA ASN A 177 -4.83 0.52 -0.39
C ASN A 177 -4.43 1.23 0.87
N ASN A 178 -5.42 1.89 1.46
CA ASN A 178 -5.34 2.50 2.78
C ASN A 178 -5.74 1.46 3.83
N LEU A 179 -4.75 0.96 4.58
CA LEU A 179 -5.09 -0.01 5.62
C LEU A 179 -6.12 0.52 6.59
N LEU A 180 -6.06 1.83 6.91
CA LEU A 180 -6.65 2.38 8.11
C LEU A 180 -7.52 3.56 7.71
N PRO A 181 -8.77 3.28 7.33
CA PRO A 181 -9.64 4.32 6.77
C PRO A 181 -10.50 4.95 7.85
N ARG A 182 -10.80 6.25 7.65
CA ARG A 182 -11.64 6.97 8.60
C ARG A 182 -12.90 6.18 8.96
N ALA A 183 -13.53 5.54 7.97
CA ALA A 183 -14.62 4.58 8.16
C ALA A 183 -14.67 4.01 9.57
N VAL A 184 -13.58 3.37 9.99
CA VAL A 184 -13.47 2.88 11.37
C VAL A 184 -12.54 3.82 12.13
N PRO A 185 -12.85 4.14 13.39
CA PRO A 185 -11.93 4.93 14.22
C PRO A 185 -10.93 4.05 14.96
N MET A 186 -9.66 4.43 14.90
CA MET A 186 -8.58 3.61 15.45
C MET A 186 -8.08 4.25 16.74
N HIS A 187 -7.96 3.45 17.82
CA HIS A 187 -7.52 4.00 19.09
C HIS A 187 -6.00 3.96 19.25
N LEU A 188 -5.33 2.97 18.67
CA LEU A 188 -3.88 2.83 18.71
C LEU A 188 -3.30 2.57 17.32
N LYS A 189 -2.25 3.33 16.97
CA LYS A 189 -1.40 3.06 15.83
C LYS A 189 -0.08 2.48 16.32
N PHE A 190 0.35 1.37 15.70
CA PHE A 190 1.66 0.77 15.97
C PHE A 190 2.39 0.43 14.68
N ALA A 191 3.66 0.84 14.62
CA ALA A 191 4.52 0.63 13.46
C ALA A 191 5.71 -0.25 13.85
N LEU A 192 5.63 -1.52 13.52
CA LEU A 192 6.53 -2.53 14.10
C LEU A 192 7.55 -3.03 13.07
N LYS A 193 8.67 -3.60 13.57
CA LYS A 193 9.84 -3.87 12.73
C LYS A 193 10.70 -4.98 13.34
N GLY A 194 10.53 -5.23 14.63
CA GLY A 194 11.34 -6.22 15.30
C GLY A 194 12.70 -5.75 15.77
N SER A 195 13.05 -4.47 15.53
CA SER A 195 14.27 -3.87 16.05
C SER A 195 13.92 -2.97 17.25
N THR A 196 14.96 -2.33 17.81
CA THR A 196 14.74 -1.50 18.99
C THR A 196 15.36 -0.11 18.85
N TYR A 197 16.50 0.03 18.16
CA TYR A 197 17.20 1.31 18.17
C TYR A 197 16.29 2.40 17.62
N LYS A 198 16.26 3.53 18.34
CA LYS A 198 15.40 4.66 17.99
C LYS A 198 13.99 4.21 17.58
N ARG A 199 13.49 3.13 18.18
CA ARG A 199 12.10 2.71 17.95
C ARG A 199 11.18 3.23 19.04
N ARG A 200 11.11 4.57 19.18
CA ARG A 200 10.24 5.21 20.14
C ARG A 200 9.54 6.34 19.41
N ALA A 201 8.25 6.52 19.69
CA ALA A 201 7.51 7.59 19.02
C ALA A 201 8.06 8.94 19.47
N SER A 202 8.54 9.74 18.50
CA SER A 202 9.08 11.06 18.76
C SER A 202 8.11 11.81 19.66
N PRO A 203 8.60 12.71 20.51
CA PRO A 203 7.67 13.51 21.32
C PRO A 203 6.67 14.20 20.41
N LYS A 204 7.18 14.84 19.35
CA LYS A 204 6.35 15.47 18.34
C LYS A 204 5.22 14.53 17.92
N GLU A 205 5.56 13.31 17.51
CA GLU A 205 4.54 12.32 17.20
C GLU A 205 3.71 11.96 18.43
N ARG A 206 4.34 11.91 19.60
CA ARG A 206 3.67 11.41 20.80
C ARG A 206 2.52 12.30 21.24
N SER A 207 2.51 13.54 20.76
CA SER A 207 1.41 14.47 21.00
C SER A 207 0.61 14.73 19.73
N LYS A 208 0.26 13.65 19.03
CA LYS A 208 -0.76 13.71 17.99
C LYS A 208 -2.02 13.08 18.56
N GLY A 209 -3.08 13.13 17.76
CA GLY A 209 -4.35 12.54 18.13
C GLY A 209 -4.19 11.10 18.58
N VAL A 210 -4.35 10.17 17.64
CA VAL A 210 -3.88 8.80 17.82
C VAL A 210 -2.53 8.69 17.14
N PRO A 211 -1.43 8.63 17.87
CA PRO A 211 -0.12 8.63 17.26
C PRO A 211 0.32 7.22 16.89
N THR A 212 1.30 7.17 16.00
CA THR A 212 1.87 5.91 15.57
C THR A 212 3.08 5.63 16.45
N TYR A 213 2.85 4.81 17.49
CA TYR A 213 3.89 4.37 18.39
C TYR A 213 4.71 3.31 17.67
N LYS A 214 5.97 3.12 18.13
CA LYS A 214 6.85 2.11 17.54
C LYS A 214 7.12 0.93 18.51
N ASP A 215 8.25 0.25 18.30
CA ASP A 215 8.46 -1.04 18.96
C ASP A 215 8.67 -0.90 20.45
N LEU A 216 9.53 0.04 20.86
CA LEU A 216 9.77 0.23 22.29
C LEU A 216 8.48 0.65 22.99
N ASP A 217 7.70 1.52 22.35
CA ASP A 217 6.38 1.89 22.82
C ASP A 217 5.51 0.65 23.03
N PHE A 218 5.35 -0.18 22.01
CA PHE A 218 4.48 -1.35 22.14
C PHE A 218 4.93 -2.27 23.29
N MET A 219 6.23 -2.32 23.56
CA MET A 219 6.74 -3.32 24.49
C MET A 219 6.46 -2.96 25.94
N GLN A 220 6.32 -1.66 26.23
CA GLN A 220 5.91 -1.18 27.54
C GLN A 220 4.39 -1.02 27.65
N ASP A 221 3.77 -0.29 26.71
CA ASP A 221 2.35 0.05 26.75
C ASP A 221 1.43 -1.13 26.49
N MET A 222 1.94 -2.28 25.98
CA MET A 222 1.10 -3.46 25.81
C MET A 222 1.83 -4.74 26.21
N PRO A 223 2.42 -4.76 27.40
CA PRO A 223 3.37 -5.83 27.73
C PRO A 223 2.75 -7.20 27.67
N GLU A 224 1.48 -7.32 28.01
CA GLU A 224 0.84 -8.63 27.88
C GLU A 224 0.52 -8.98 26.43
N GLY A 225 0.78 -8.07 25.48
CA GLY A 225 0.63 -8.36 24.08
C GLY A 225 -0.74 -8.12 23.46
N ILE A 226 -1.10 -8.94 22.48
CA ILE A 226 -2.44 -9.05 21.92
C ILE A 226 -2.77 -10.54 21.82
N LEU A 227 -3.93 -10.93 22.36
CA LEU A 227 -4.33 -12.34 22.36
C LEU A 227 -5.18 -12.62 21.13
N LEU A 228 -5.13 -13.88 20.69
CA LEU A 228 -5.96 -14.37 19.61
C LEU A 228 -6.31 -15.84 19.89
N GLU A 229 -7.37 -16.29 19.23
CA GLU A 229 -7.79 -17.68 19.37
C GLU A 229 -6.93 -18.57 18.50
N ASN A 230 -6.45 -19.69 19.05
CA ASN A 230 -5.53 -20.62 18.38
C ASN A 230 -5.90 -20.88 16.91
N ASP A 231 -7.17 -20.74 16.56
CA ASP A 231 -7.59 -20.75 15.16
C ASP A 231 -7.05 -19.50 14.46
N HIS A 232 -7.55 -18.31 14.85
CA HIS A 232 -7.17 -17.04 14.21
C HIS A 232 -5.66 -16.83 14.16
N TYR A 233 -4.93 -17.36 15.13
CA TYR A 233 -3.50 -17.07 15.27
C TYR A 233 -2.70 -17.78 14.20
N THR A 234 -2.79 -19.12 14.17
CA THR A 234 -1.97 -19.93 13.27
C THR A 234 -2.00 -19.43 11.82
N ALA A 235 -3.10 -18.80 11.41
CA ALA A 235 -3.17 -18.29 10.05
C ALA A 235 -2.28 -17.07 9.87
N LEU A 236 -2.47 -16.07 10.73
CA LEU A 236 -1.55 -14.93 10.76
C LEU A 236 -0.09 -15.38 10.78
N SER A 237 0.27 -16.23 11.75
CA SER A 237 1.63 -16.79 11.75
C SER A 237 1.96 -17.38 10.39
N ARG A 238 1.03 -18.16 9.83
CA ARG A 238 1.29 -18.80 8.55
C ARG A 238 1.47 -17.78 7.44
N THR A 239 0.52 -16.88 7.27
CA THR A 239 0.69 -15.99 6.13
C THR A 239 1.70 -14.86 6.38
N MET A 240 2.33 -14.81 7.57
CA MET A 240 3.47 -13.93 7.68
C MET A 240 4.76 -14.65 7.36
N GLN A 241 4.93 -15.87 7.85
CA GLN A 241 6.05 -16.68 7.41
C GLN A 241 6.14 -16.64 5.89
N ARG A 242 4.98 -16.53 5.22
CA ARG A 242 4.91 -16.56 3.77
C ARG A 242 5.34 -15.22 3.18
N ASP A 243 4.73 -14.11 3.63
CA ASP A 243 5.11 -12.82 3.06
C ASP A 243 6.55 -12.47 3.35
N CYS A 244 7.11 -12.97 4.46
CA CYS A 244 8.52 -12.73 4.76
C CYS A 244 9.42 -13.54 3.84
N ARG A 245 9.14 -14.85 3.69
CA ARG A 245 9.92 -15.65 2.77
C ARG A 245 9.91 -15.03 1.37
N VAL A 246 8.77 -14.43 1.01
CA VAL A 246 8.65 -13.72 -0.26
C VAL A 246 9.48 -12.45 -0.25
N LEU A 247 9.45 -11.72 0.86
CA LEU A 247 10.12 -10.43 0.88
C LEU A 247 11.60 -10.59 0.82
N GLN A 248 12.13 -11.56 1.58
CA GLN A 248 13.56 -11.79 1.61
C GLN A 248 14.07 -12.18 0.25
N SER A 249 13.37 -13.12 -0.40
CA SER A 249 13.69 -13.52 -1.75
C SER A 249 13.96 -12.34 -2.65
N PHE A 250 13.20 -11.24 -2.47
CA PHE A 250 13.42 -10.05 -3.28
C PHE A 250 14.44 -9.10 -2.69
N LYS A 251 15.11 -9.52 -1.62
CA LYS A 251 16.14 -8.72 -1.00
C LYS A 251 15.58 -7.36 -0.63
N ILE A 252 14.48 -7.39 0.12
CA ILE A 252 13.86 -6.18 0.66
C ILE A 252 14.05 -6.20 2.17
N MET A 253 14.26 -4.99 2.73
CA MET A 253 14.27 -4.78 4.18
C MET A 253 13.56 -3.47 4.52
N ASP A 254 13.54 -3.15 5.82
CA ASP A 254 13.01 -1.91 6.40
C ASP A 254 11.49 -1.76 6.25
N TYR A 255 10.82 -2.85 5.95
CA TYR A 255 9.38 -2.84 5.95
C TYR A 255 8.90 -2.98 7.37
N SER A 256 7.74 -2.39 7.65
CA SER A 256 7.17 -2.38 8.99
C SER A 256 5.81 -3.06 8.95
N LEU A 257 5.37 -3.60 10.10
CA LEU A 257 4.04 -4.21 10.26
C LEU A 257 3.14 -3.20 10.93
N LEU A 258 2.32 -2.49 10.15
CA LEU A 258 1.35 -1.55 10.69
C LEU A 258 0.18 -2.29 11.34
N VAL A 259 -0.12 -1.95 12.59
CA VAL A 259 -1.23 -2.56 13.31
C VAL A 259 -2.14 -1.46 13.81
N GLY A 260 -3.40 -1.49 13.39
CA GLY A 260 -4.43 -0.63 13.92
C GLY A 260 -5.33 -1.41 14.88
N ILE A 261 -5.57 -0.84 16.05
CA ILE A 261 -6.38 -1.48 17.07
C ILE A 261 -7.63 -0.67 17.29
N HIS A 262 -8.78 -1.34 17.20
CA HIS A 262 -10.07 -0.80 17.66
C HIS A 262 -10.57 -1.65 18.82
N ILE A 263 -10.63 -1.04 20.02
CA ILE A 263 -11.30 -1.61 21.18
C ILE A 263 -12.79 -1.37 21.03
N LEU A 264 -13.58 -2.36 21.41
CA LEU A 264 -14.94 -2.46 20.94
C LEU A 264 -15.93 -2.09 22.05
N HIS A 265 -16.94 -1.32 21.67
CA HIS A 265 -18.14 -1.11 22.47
C HIS A 265 -19.33 -1.80 21.79
N MET A 312 -16.94 -4.17 9.49
CA MET A 312 -16.48 -5.23 10.40
C MET A 312 -15.52 -6.17 9.68
N GLY A 313 -14.57 -5.60 8.94
CA GLY A 313 -13.71 -6.38 8.07
C GLY A 313 -12.28 -6.65 8.52
N GLY A 314 -12.07 -6.84 9.83
CA GLY A 314 -10.76 -7.10 10.41
C GLY A 314 -10.65 -8.38 11.22
N ILE A 315 -9.67 -8.44 12.11
CA ILE A 315 -9.38 -9.63 12.90
C ILE A 315 -9.95 -9.45 14.30
N PRO A 316 -10.67 -10.45 14.83
CA PRO A 316 -11.16 -10.35 16.22
C PRO A 316 -10.08 -10.76 17.22
N ALA A 317 -9.78 -9.86 18.16
CA ALA A 317 -8.73 -10.09 19.16
C ALA A 317 -9.17 -9.69 20.56
N PHE A 318 -8.57 -10.33 21.56
CA PHE A 318 -8.88 -10.07 22.95
C PHE A 318 -7.97 -8.96 23.50
N ASN A 319 -7.91 -8.83 24.84
CA ASN A 319 -7.10 -7.83 25.52
C ASN A 319 -6.83 -8.35 26.93
N SER A 320 -5.59 -8.16 27.39
CA SER A 320 -5.20 -8.59 28.74
C SER A 320 -6.08 -7.88 29.77
N LYS A 321 -7.08 -8.58 30.29
CA LYS A 321 -8.13 -7.99 31.10
C LYS A 321 -8.71 -6.75 30.41
N GLY A 322 -9.29 -6.99 29.22
CA GLY A 322 -9.74 -5.88 28.40
C GLY A 322 -10.88 -6.26 27.47
N GLU A 323 -11.53 -5.23 26.94
CA GLU A 323 -12.64 -5.44 26.05
C GLU A 323 -12.18 -6.21 24.81
N ARG A 324 -13.08 -6.99 24.23
CA ARG A 324 -12.83 -7.57 22.91
C ARG A 324 -12.59 -6.43 21.93
N LEU A 325 -11.71 -6.67 20.96
CA LEU A 325 -11.25 -5.63 20.06
C LEU A 325 -10.91 -6.24 18.71
N LEU A 326 -10.93 -5.38 17.67
CA LEU A 326 -10.66 -5.80 16.30
C LEU A 326 -9.41 -5.09 15.79
N VAL A 327 -8.40 -5.89 15.39
CA VAL A 327 -7.11 -5.39 14.91
C VAL A 327 -7.11 -5.39 13.38
N PHE A 328 -6.37 -4.44 12.80
CA PHE A 328 -6.30 -4.22 11.34
C PHE A 328 -4.86 -3.99 10.91
N ILE A 329 -4.25 -4.96 10.23
CA ILE A 329 -2.81 -5.03 10.06
C ILE A 329 -2.40 -5.21 8.60
N GLY A 330 -1.11 -4.99 8.34
CA GLY A 330 -0.56 -5.15 7.00
C GLY A 330 0.81 -4.50 6.87
N ILE A 331 1.62 -4.99 5.91
CA ILE A 331 3.05 -4.70 5.78
C ILE A 331 3.26 -3.50 4.86
N ILE A 332 4.28 -2.66 5.14
CA ILE A 332 4.42 -1.39 4.42
C ILE A 332 5.88 -1.11 4.10
N ASP A 333 6.11 -0.12 3.23
CA ASP A 333 7.47 0.32 2.88
C ASP A 333 8.31 -0.84 2.34
N ILE A 334 7.74 -1.48 1.35
CA ILE A 334 8.27 -2.70 0.77
C ILE A 334 9.16 -2.43 -0.43
N LEU A 335 9.24 -1.18 -0.89
CA LEU A 335 10.00 -0.87 -2.10
C LEU A 335 11.36 -0.30 -1.71
N GLN A 336 12.22 -1.18 -1.22
CA GLN A 336 13.51 -0.85 -0.64
C GLN A 336 14.55 -1.70 -1.35
N SER A 337 15.13 -1.14 -2.42
CA SER A 337 15.97 -1.88 -3.36
C SER A 337 17.28 -2.35 -2.71
N TYR A 338 17.52 -3.67 -2.72
CA TYR A 338 18.83 -4.24 -2.29
C TYR A 338 19.39 -5.34 -3.20
N THR A 357 25.86 -1.01 1.39
CA THR A 357 26.44 -2.34 1.56
C THR A 357 25.77 -3.12 2.69
N VAL A 358 25.07 -4.22 2.35
CA VAL A 358 24.55 -5.18 3.32
C VAL A 358 24.87 -6.60 2.84
N SER A 359 25.07 -7.52 3.78
CA SER A 359 25.44 -8.90 3.43
C SER A 359 24.34 -9.57 2.63
N VAL A 360 24.72 -10.60 1.89
CA VAL A 360 23.71 -11.41 1.20
C VAL A 360 22.78 -12.09 2.20
N HIS A 361 23.26 -12.37 3.41
CA HIS A 361 22.46 -13.11 4.38
C HIS A 361 21.56 -12.22 5.22
N ARG A 362 21.46 -10.93 4.89
CA ARG A 362 20.90 -9.99 5.85
C ARG A 362 19.38 -9.81 5.76
N PRO A 363 18.82 -9.59 4.56
CA PRO A 363 17.35 -9.53 4.47
C PRO A 363 16.68 -10.79 4.98
N SER A 364 17.31 -11.94 4.76
CA SER A 364 16.89 -13.17 5.42
C SER A 364 16.78 -12.93 6.90
N PHE A 365 17.87 -12.43 7.51
CA PHE A 365 17.87 -12.11 8.95
C PHE A 365 16.73 -11.18 9.32
N TYR A 366 16.64 -10.02 8.64
CA TYR A 366 15.61 -9.03 8.96
C TYR A 366 14.24 -9.67 9.02
N ALA A 367 13.98 -10.62 8.11
CA ALA A 367 12.64 -11.22 8.02
C ALA A 367 12.40 -12.18 9.17
N ASP A 368 13.39 -13.02 9.50
CA ASP A 368 13.23 -13.94 10.63
C ASP A 368 12.96 -13.16 11.91
N ARG A 369 13.73 -12.10 12.16
CA ARG A 369 13.50 -11.30 13.34
C ARG A 369 12.06 -10.83 13.34
N PHE A 370 11.74 -9.92 12.42
CA PHE A 370 10.38 -9.45 12.14
C PHE A 370 9.35 -10.49 12.50
N GLN A 371 9.38 -11.63 11.82
CA GLN A 371 8.34 -12.64 12.04
C GLN A 371 8.29 -13.11 13.49
N LYS A 372 9.39 -13.70 13.99
CA LYS A 372 9.39 -14.20 15.36
C LYS A 372 8.92 -13.12 16.32
N PHE A 373 9.30 -11.85 16.10
CA PHE A 373 8.75 -10.75 16.91
C PHE A 373 7.23 -10.71 16.81
N MET A 374 6.68 -10.29 15.66
CA MET A 374 5.23 -10.15 15.49
C MET A 374 4.50 -11.38 16.00
N CYS A 375 5.07 -12.56 15.79
CA CYS A 375 4.43 -13.81 16.12
C CYS A 375 4.77 -14.33 17.51
N SER A 376 5.54 -13.59 18.29
CA SER A 376 5.76 -14.04 19.67
C SER A 376 5.55 -12.94 20.68
N THR A 377 5.92 -11.71 20.36
CA THR A 377 5.72 -10.58 21.27
C THR A 377 4.44 -9.80 20.99
N VAL A 378 4.07 -9.63 19.73
CA VAL A 378 2.95 -8.77 19.39
C VAL A 378 1.62 -9.51 19.47
N PHE A 379 1.58 -10.79 19.07
CA PHE A 379 0.35 -11.58 19.02
C PHE A 379 0.60 -12.94 19.67
N ARG A 380 -0.29 -13.39 20.59
CA ARG A 380 -0.08 -14.64 21.32
C ARG A 380 -1.36 -15.51 21.44
N LYS A 381 -1.17 -16.84 21.42
CA LYS A 381 -2.27 -17.80 21.48
C LYS A 381 -2.61 -18.17 22.92
#